data_6P39
#
_entry.id   6P39
#
_cell.length_a   96.600
_cell.length_b   96.600
_cell.length_c   91.130
_cell.angle_alpha   90.000
_cell.angle_beta   90.000
_cell.angle_gamma   120.000
#
_symmetry.space_group_name_H-M   'P 31 2 1'
#
loop_
_entity.id
_entity.type
_entity.pdbx_description
1 polymer 'Transcription initiation factor TFIID subunit 1'
2 non-polymer "3-methoxy-4-{[(6aR)-5-methyl-6-oxo-6,6a,7,8,9,10-hexahydro-5H-dipyrido[1,2-a:3',2'-e]pyrazin-2-yl]amino}-N-(1-methylpiperidin-4-yl)benzamide"
#
_entity_poly.entity_id   1
_entity_poly.type   'polypeptide(L)'
_entity_poly.pdbx_seq_one_letter_code
;SMDDDDQVAFSFILDNIVTQKMMAVPDSWPFHHPVNKKFVPDYYKVIVNPMDLETIRKNISKHKYQSRESFLDDVNLILA
NSVKYNGPESQYTKTAQEIVNVCYQTLTEYDEHLTQLEKDICTAKEAALEEAELESLD
;
_entity_poly.pdbx_strand_id   A
#
loop_
_chem_comp.id
_chem_comp.type
_chem_comp.name
_chem_comp.formula
NQY non-polymer 3-methoxy-4-{[(6aR)-5-methyl-6-oxo-6,6a,7,8,9,10-hexahydro-5H-dipyrido[1,2-a:3',2'-e]pyrazin-2-yl]amino}-N-(1-methylpiperidin-4-yl)benzamide 'C26 H34 N6 O3'
#
# COMPACT_ATOMS: atom_id res chain seq x y z
N ASP A 3 -15.23 7.45 -18.13
CA ASP A 3 -15.80 7.82 -16.85
C ASP A 3 -15.98 6.60 -15.97
N ASP A 4 -16.03 5.42 -16.56
CA ASP A 4 -15.91 4.19 -15.79
C ASP A 4 -14.47 3.72 -15.66
N ASP A 5 -13.56 4.28 -16.47
CA ASP A 5 -12.13 4.07 -16.28
C ASP A 5 -11.57 4.89 -15.14
N ASP A 6 -12.43 5.61 -14.40
CA ASP A 6 -11.95 6.36 -13.24
C ASP A 6 -11.33 5.43 -12.20
N GLN A 7 -11.93 4.27 -11.99
CA GLN A 7 -11.35 3.29 -11.06
C GLN A 7 -10.11 2.63 -11.68
N VAL A 8 -10.17 2.31 -12.98
CA VAL A 8 -9.04 1.66 -13.64
C VAL A 8 -7.83 2.58 -13.63
N ALA A 9 -8.05 3.89 -13.79
CA ALA A 9 -6.95 4.84 -13.76
C ALA A 9 -6.37 4.98 -12.36
N PHE A 10 -7.24 5.17 -11.37
CA PHE A 10 -6.80 5.29 -9.98
C PHE A 10 -5.96 4.09 -9.57
N SER A 11 -6.44 2.88 -9.87
CA SER A 11 -5.70 1.68 -9.51
C SER A 11 -4.40 1.57 -10.29
N PHE A 12 -4.39 2.01 -11.54
CA PHE A 12 -3.15 1.99 -12.33
C PHE A 12 -2.09 2.89 -11.71
N ILE A 13 -2.48 4.08 -11.26
CA ILE A 13 -1.55 4.98 -10.61
C ILE A 13 -1.04 4.37 -9.29
N LEU A 14 -1.94 3.78 -8.52
CA LEU A 14 -1.56 3.16 -7.26
C LEU A 14 -0.54 2.05 -7.49
N ASP A 15 -0.77 1.21 -8.49
CA ASP A 15 0.16 0.11 -8.78
C ASP A 15 1.54 0.64 -9.13
N ASN A 16 1.60 1.69 -9.95
CA ASN A 16 2.90 2.23 -10.36
C ASN A 16 3.64 2.86 -9.17
N ILE A 17 2.89 3.51 -8.27
CA ILE A 17 3.52 4.02 -7.05
C ILE A 17 4.18 2.88 -6.28
N VAL A 18 3.50 1.73 -6.20
CA VAL A 18 4.06 0.59 -5.48
C VAL A 18 5.32 0.07 -6.18
N THR A 19 5.23 -0.13 -7.50
CA THR A 19 6.30 -0.78 -8.23
C THR A 19 7.43 0.17 -8.62
N GLN A 20 7.11 1.43 -8.93
CA GLN A 20 8.12 2.36 -9.40
C GLN A 20 8.77 3.16 -8.27
N LYS A 21 8.07 3.35 -7.16
CA LYS A 21 8.56 4.21 -6.09
C LYS A 21 8.80 3.45 -4.80
N MET A 22 7.81 2.68 -4.32
CA MET A 22 7.96 1.99 -3.04
C MET A 22 8.90 0.80 -3.15
N MET A 23 8.72 -0.02 -4.19
CA MET A 23 9.61 -1.16 -4.41
C MET A 23 11.01 -0.75 -4.82
N ALA A 24 11.26 0.54 -5.04
CA ALA A 24 12.57 1.05 -5.40
C ALA A 24 13.38 1.51 -4.18
N VAL A 25 12.79 1.47 -2.99
CA VAL A 25 13.53 1.87 -1.78
C VAL A 25 14.70 0.90 -1.58
N PRO A 26 15.90 1.38 -1.28
CA PRO A 26 17.04 0.48 -1.11
C PRO A 26 16.78 -0.57 -0.04
N ASP A 27 17.06 -1.83 -0.39
CA ASP A 27 16.93 -2.98 0.52
C ASP A 27 15.50 -3.17 1.01
N SER A 28 14.52 -2.80 0.20
CA SER A 28 13.12 -2.99 0.52
C SER A 28 12.59 -4.36 0.12
N TRP A 29 13.47 -5.24 -0.37
CA TRP A 29 13.02 -6.54 -0.87
C TRP A 29 12.31 -7.42 0.16
N PRO A 30 12.60 -7.36 1.48
CA PRO A 30 11.81 -8.18 2.41
C PRO A 30 10.34 -7.79 2.48
N PHE A 31 9.98 -6.58 2.06
CA PHE A 31 8.60 -6.13 2.08
C PHE A 31 7.90 -6.28 0.74
N HIS A 32 8.58 -6.83 -0.26
CA HIS A 32 7.96 -6.99 -1.58
C HIS A 32 6.94 -8.12 -1.59
N HIS A 33 7.10 -9.12 -0.73
CA HIS A 33 6.32 -10.35 -0.80
C HIS A 33 5.92 -10.76 0.61
N PRO A 34 4.90 -11.62 0.74
CA PRO A 34 4.54 -12.13 2.06
C PRO A 34 5.73 -12.82 2.71
N VAL A 35 5.89 -12.57 4.01
CA VAL A 35 7.03 -13.11 4.73
C VAL A 35 7.04 -14.62 4.63
N ASN A 36 8.18 -15.16 4.19
CA ASN A 36 8.33 -16.61 4.07
C ASN A 36 8.37 -17.23 5.46
N LYS A 37 7.38 -18.07 5.77
CA LYS A 37 7.34 -18.75 7.06
C LYS A 37 8.55 -19.66 7.24
N LYS A 38 9.16 -20.12 6.15
CA LYS A 38 10.34 -20.99 6.25
C LYS A 38 11.53 -20.27 6.87
N PHE A 39 11.60 -18.95 6.73
CA PHE A 39 12.75 -18.18 7.21
C PHE A 39 12.53 -17.53 8.57
N VAL A 40 11.29 -17.18 8.90
CA VAL A 40 10.97 -16.70 10.24
C VAL A 40 9.73 -17.46 10.70
N PRO A 41 9.89 -18.48 11.55
CA PRO A 41 8.76 -19.41 11.78
C PRO A 41 7.62 -18.81 12.57
N ASP A 42 7.91 -17.93 13.52
CA ASP A 42 6.89 -17.41 14.43
C ASP A 42 6.21 -16.15 13.92
N TYR A 43 6.51 -15.71 12.69
CA TYR A 43 6.00 -14.43 12.22
C TYR A 43 4.48 -14.40 12.23
N TYR A 44 3.84 -15.43 11.70
CA TYR A 44 2.39 -15.47 11.65
C TYR A 44 1.76 -15.86 12.97
N LYS A 45 2.57 -16.10 14.00
CA LYS A 45 2.07 -16.31 15.35
C LYS A 45 2.04 -15.02 16.18
N VAL A 46 2.76 -13.99 15.76
CA VAL A 46 2.82 -12.72 16.47
C VAL A 46 2.15 -11.60 15.68
N ILE A 47 2.30 -11.61 14.35
CA ILE A 47 1.60 -10.66 13.48
C ILE A 47 0.28 -11.29 13.06
N VAL A 48 -0.82 -10.66 13.46
CA VAL A 48 -2.14 -11.20 13.13
C VAL A 48 -2.71 -10.66 11.83
N ASN A 49 -2.25 -9.49 11.37
CA ASN A 49 -2.69 -8.90 10.10
C ASN A 49 -1.45 -8.66 9.24
N PRO A 50 -0.89 -9.70 8.64
CA PRO A 50 0.33 -9.53 7.82
C PRO A 50 0.03 -8.76 6.54
N MET A 51 1.03 -7.99 6.11
CA MET A 51 0.85 -7.10 4.97
C MET A 51 2.17 -6.95 4.22
N ASP A 52 2.08 -6.83 2.89
CA ASP A 52 3.25 -6.67 2.05
C ASP A 52 2.84 -5.97 0.76
N LEU A 53 3.84 -5.65 -0.06
CA LEU A 53 3.58 -4.90 -1.29
C LEU A 53 2.93 -5.77 -2.36
N GLU A 54 3.27 -7.06 -2.41
CA GLU A 54 2.73 -7.94 -3.46
C GLU A 54 1.22 -8.07 -3.33
N THR A 55 0.71 -8.27 -2.11
CA THR A 55 -0.72 -8.41 -1.92
C THR A 55 -1.44 -7.07 -1.88
N ILE A 56 -0.72 -5.96 -1.68
CA ILE A 56 -1.30 -4.66 -2.00
C ILE A 56 -1.56 -4.57 -3.49
N ARG A 57 -0.63 -5.08 -4.31
CA ARG A 57 -0.82 -5.06 -5.75
C ARG A 57 -1.97 -5.98 -6.17
N LYS A 58 -2.10 -7.13 -5.52
CA LYS A 58 -3.26 -7.98 -5.77
C LYS A 58 -4.55 -7.31 -5.32
N ASN A 59 -4.50 -6.50 -4.26
CA ASN A 59 -5.68 -5.74 -3.86
C ASN A 59 -5.95 -4.62 -4.87
N ILE A 60 -4.90 -4.01 -5.42
CA ILE A 60 -5.09 -2.99 -6.44
C ILE A 60 -5.73 -3.59 -7.69
N SER A 61 -5.28 -4.79 -8.08
CA SER A 61 -5.82 -5.42 -9.28
C SER A 61 -7.28 -5.81 -9.10
N LYS A 62 -7.70 -6.12 -7.87
CA LYS A 62 -9.10 -6.36 -7.57
C LYS A 62 -9.89 -5.07 -7.38
N HIS A 63 -9.25 -3.91 -7.51
CA HIS A 63 -9.87 -2.61 -7.32
C HIS A 63 -10.48 -2.49 -5.93
N LYS A 64 -9.69 -2.87 -4.91
CA LYS A 64 -10.15 -2.78 -3.53
C LYS A 64 -10.14 -1.33 -3.04
N TYR A 65 -9.15 -0.55 -3.48
CA TYR A 65 -8.97 0.80 -2.99
C TYR A 65 -9.69 1.79 -3.91
N GLN A 66 -10.76 2.40 -3.40
CA GLN A 66 -11.49 3.44 -4.10
C GLN A 66 -11.03 4.84 -3.72
N SER A 67 -10.21 4.97 -2.68
CA SER A 67 -9.58 6.22 -2.31
C SER A 67 -8.27 5.88 -1.61
N ARG A 68 -7.38 6.87 -1.54
CA ARG A 68 -6.06 6.60 -0.97
C ARG A 68 -6.10 6.34 0.53
N GLU A 69 -7.25 6.54 1.18
CA GLU A 69 -7.34 6.31 2.62
C GLU A 69 -7.22 4.82 2.95
N SER A 70 -7.99 3.98 2.23
CA SER A 70 -7.90 2.54 2.46
C SER A 70 -6.58 1.98 1.94
N PHE A 71 -6.01 2.60 0.90
CA PHE A 71 -4.69 2.19 0.41
C PHE A 71 -3.62 2.44 1.46
N LEU A 72 -3.65 3.61 2.10
CA LEU A 72 -2.67 3.94 3.13
C LEU A 72 -2.84 3.06 4.36
N ASP A 73 -4.05 2.57 4.62
CA ASP A 73 -4.27 1.70 5.78
C ASP A 73 -3.42 0.45 5.69
N ASP A 74 -3.35 -0.16 4.51
CA ASP A 74 -2.53 -1.36 4.33
C ASP A 74 -1.04 -1.03 4.22
N VAL A 75 -0.71 0.13 3.66
CA VAL A 75 0.70 0.53 3.59
C VAL A 75 1.25 0.78 4.99
N ASN A 76 0.52 1.54 5.81
CA ASN A 76 0.95 1.76 7.19
C ASN A 76 0.98 0.46 7.97
N LEU A 77 0.18 -0.53 7.57
CA LEU A 77 0.17 -1.82 8.24
C LEU A 77 1.50 -2.54 8.09
N ILE A 78 2.19 -2.33 6.97
CA ILE A 78 3.52 -2.91 6.79
C ILE A 78 4.48 -2.38 7.85
N LEU A 79 4.45 -1.07 8.10
CA LEU A 79 5.33 -0.47 9.09
C LEU A 79 4.92 -0.87 10.51
N ALA A 80 3.61 -0.92 10.78
CA ALA A 80 3.15 -1.32 12.10
C ALA A 80 3.57 -2.76 12.42
N ASN A 81 3.57 -3.63 11.40
CA ASN A 81 3.97 -5.02 11.62
C ASN A 81 5.47 -5.13 11.83
N SER A 82 6.26 -4.31 11.14
CA SER A 82 7.70 -4.32 11.36
C SER A 82 8.04 -3.80 12.74
N VAL A 83 7.32 -2.79 13.22
CA VAL A 83 7.55 -2.29 14.57
C VAL A 83 7.16 -3.34 15.60
N LYS A 84 6.03 -4.01 15.40
CA LYS A 84 5.60 -5.02 16.36
C LYS A 84 6.49 -6.25 16.34
N TYR A 85 7.09 -6.57 15.19
CA TYR A 85 7.96 -7.73 15.13
C TYR A 85 9.44 -7.38 15.30
N ASN A 86 9.94 -6.39 14.57
CA ASN A 86 11.37 -6.12 14.55
C ASN A 86 11.81 -5.08 15.58
N GLY A 87 10.88 -4.30 16.12
CA GLY A 87 11.21 -3.26 17.06
C GLY A 87 11.34 -1.91 16.41
N PRO A 88 11.21 -0.84 17.19
CA PRO A 88 11.22 0.51 16.60
C PRO A 88 12.56 0.93 16.04
N GLU A 89 13.66 0.46 16.62
CA GLU A 89 15.00 0.85 16.19
C GLU A 89 15.58 -0.10 15.14
N SER A 90 14.78 -1.02 14.62
CA SER A 90 15.29 -2.03 13.71
C SER A 90 15.72 -1.44 12.38
N GLN A 91 16.70 -2.07 11.75
CA GLN A 91 17.08 -1.70 10.39
C GLN A 91 15.94 -1.99 9.42
N TYR A 92 15.20 -3.07 9.65
CA TYR A 92 14.03 -3.37 8.83
C TYR A 92 12.95 -2.31 8.99
N THR A 93 12.70 -1.90 10.23
CA THR A 93 11.67 -0.90 10.49
C THR A 93 12.02 0.45 9.86
N LYS A 94 13.30 0.82 9.88
CA LYS A 94 13.72 2.05 9.23
C LYS A 94 13.52 1.97 7.72
N THR A 95 13.69 0.77 7.14
CA THR A 95 13.43 0.60 5.71
C THR A 95 11.94 0.70 5.41
N ALA A 96 11.11 0.04 6.22
CA ALA A 96 9.66 0.14 6.04
C ALA A 96 9.19 1.57 6.20
N GLN A 97 9.82 2.33 7.10
CA GLN A 97 9.46 3.74 7.27
C GLN A 97 9.73 4.53 5.99
N GLU A 98 10.79 4.18 5.27
CA GLU A 98 11.09 4.87 4.01
C GLU A 98 10.16 4.43 2.89
N ILE A 99 9.69 3.18 2.93
CA ILE A 99 8.63 2.76 2.01
C ILE A 99 7.38 3.60 2.25
N VAL A 100 6.98 3.74 3.51
CA VAL A 100 5.83 4.58 3.85
C VAL A 100 6.11 6.04 3.52
N ASN A 101 7.36 6.47 3.62
CA ASN A 101 7.68 7.87 3.37
C ASN A 101 7.58 8.21 1.89
N VAL A 102 8.20 7.39 1.02
CA VAL A 102 8.17 7.67 -0.41
C VAL A 102 6.77 7.51 -0.98
N CYS A 103 5.89 6.78 -0.29
CA CYS A 103 4.51 6.63 -0.74
C CYS A 103 3.70 7.89 -0.45
N TYR A 104 3.78 8.39 0.80
CA TYR A 104 3.16 9.66 1.14
C TYR A 104 3.72 10.80 0.28
N GLN A 105 5.02 10.73 -0.03
CA GLN A 105 5.65 11.77 -0.85
C GLN A 105 4.99 11.87 -2.21
N THR A 106 4.95 10.77 -2.95
CA THR A 106 4.40 10.77 -4.29
C THR A 106 2.87 10.83 -4.31
N LEU A 107 2.21 10.61 -3.17
CA LEU A 107 0.77 10.80 -3.11
C LEU A 107 0.42 12.29 -3.09
N THR A 108 1.15 13.09 -2.32
CA THR A 108 0.98 14.54 -2.38
C THR A 108 1.54 15.11 -3.68
N GLU A 109 2.46 14.40 -4.33
CA GLU A 109 2.92 14.78 -5.66
C GLU A 109 1.76 14.77 -6.65
N TYR A 110 0.86 13.78 -6.53
CA TYR A 110 -0.30 13.64 -7.40
C TYR A 110 -1.59 14.05 -6.72
N ASP A 111 -1.53 14.91 -5.70
CA ASP A 111 -2.70 15.17 -4.87
C ASP A 111 -3.87 15.71 -5.68
N GLU A 112 -3.65 16.81 -6.41
CA GLU A 112 -4.73 17.42 -7.19
C GLU A 112 -5.32 16.43 -8.17
N HIS A 113 -4.49 15.58 -8.77
CA HIS A 113 -4.98 14.62 -9.75
C HIS A 113 -5.80 13.52 -9.11
N LEU A 114 -5.30 12.95 -8.01
CA LEU A 114 -5.99 11.84 -7.36
C LEU A 114 -7.33 12.28 -6.76
N THR A 115 -7.36 13.49 -6.17
CA THR A 115 -8.59 13.99 -5.58
C THR A 115 -9.70 14.06 -6.63
N GLN A 116 -9.36 14.42 -7.87
CA GLN A 116 -10.35 14.35 -8.94
C GLN A 116 -10.87 12.93 -9.09
N LEU A 117 -9.95 11.97 -9.30
CA LEU A 117 -10.38 10.57 -9.48
C LEU A 117 -11.15 10.05 -8.28
N GLU A 118 -10.76 10.44 -7.06
CA GLU A 118 -11.42 9.91 -5.88
C GLU A 118 -12.88 10.35 -5.80
N LYS A 119 -13.18 11.59 -6.18
CA LYS A 119 -14.56 12.05 -6.15
C LYS A 119 -15.38 11.48 -7.30
N ASP A 120 -14.77 11.35 -8.47
CA ASP A 120 -15.50 10.78 -9.60
C ASP A 120 -15.78 9.29 -9.41
N ILE A 121 -14.99 8.61 -8.58
CA ILE A 121 -15.25 7.19 -8.29
C ILE A 121 -16.42 7.07 -7.33
N CYS A 122 -16.48 7.95 -6.33
CA CYS A 122 -17.49 7.87 -5.28
C CYS A 122 -18.82 8.45 -5.74
N THR A 123 -18.81 9.55 -6.50
CA THR A 123 -20.05 10.09 -7.03
C THR A 123 -20.68 9.14 -8.05
N ALA A 124 -19.85 8.33 -8.72
CA ALA A 124 -20.38 7.26 -9.55
C ALA A 124 -20.90 6.10 -8.72
N LYS A 125 -20.30 5.86 -7.55
CA LYS A 125 -20.78 4.80 -6.67
C LYS A 125 -22.17 5.11 -6.12
N GLU A 126 -22.43 6.38 -5.81
CA GLU A 126 -23.72 6.76 -5.23
C GLU A 126 -24.79 6.96 -6.30
N ALA A 127 -24.41 7.44 -7.49
CA ALA A 127 -25.36 7.57 -8.58
C ALA A 127 -25.70 6.24 -9.23
N ALA A 128 -24.93 5.19 -8.95
CA ALA A 128 -25.23 3.85 -9.44
C ALA A 128 -26.18 3.09 -8.53
N LEU A 129 -26.03 3.25 -7.21
CA LEU A 129 -26.98 2.67 -6.28
C LEU A 129 -28.23 3.53 -6.12
N GLU A 130 -28.21 4.77 -6.59
CA GLU A 130 -29.41 5.61 -6.60
C GLU A 130 -30.14 5.45 -7.94
C4 NQY B . 11.01 -10.82 5.06
C14 NQY B . 15.47 -19.33 -2.88
C5 NQY B . 11.86 -11.75 4.54
C6 NQY B . 12.98 -12.15 5.30
C11 NQY B . 14.04 -16.33 0.20
C7 NQY B . 13.86 -13.91 3.70
C8 NQY B . 12.68 -14.34 3.09
C9 NQY B . 12.75 -15.12 1.96
C10 NQY B . 13.97 -15.48 1.42
C12 NQY B . 15.71 -17.81 -0.93
C13 NQY B . 15.01 -18.02 -2.26
N1 NQY B . 10.43 -9.31 6.90
N2 NQY B . 13.89 -13.09 4.85
C3 NQY B . 11.28 -10.29 6.32
N3 NQY B . 15.30 -16.54 -0.29
C1 NQY B . 10.62 -8.83 8.18
C15 NQY B . 17.36 -20.61 -3.67
C16 NQY B . 17.63 -19.14 -1.78
C17 NQY B . 17.21 -17.83 -1.12
C18 NQY B . 15.15 -15.04 2.03
C19 NQY B . 15.10 -14.26 3.16
C2 NQY B . 9.29 -8.79 6.12
C20 NQY B . 17.49 -14.21 3.31
C21 NQY B . 12.41 -10.73 7.01
C22 NQY B . 11.78 -9.37 9.00
C23 NQY B . 11.28 -10.11 10.23
C24 NQY B . 12.25 -11.20 10.66
C25 NQY B . 13.69 -10.76 10.45
C26 NQY B . 13.95 -10.59 8.97
N4 NQY B . 16.93 -19.34 -3.05
N5 NQY B . 13.24 -11.65 6.50
N6 NQY B . 12.71 -10.24 8.27
O1 NQY B . 9.87 -8.00 8.68
O2 NQY B . 13.03 -16.85 -0.27
O3 NQY B . 16.22 -13.80 3.80
#